data_5KJN
#
_entry.id   5KJN
#
_cell.length_a   154.871
_cell.length_b   154.871
_cell.length_c   52.286
_cell.angle_alpha   90.00
_cell.angle_beta   90.00
_cell.angle_gamma   90.00
#
_symmetry.space_group_name_H-M   'I 4'
#
loop_
_entity.id
_entity.type
_entity.pdbx_description
1 polymer 'N-lysine methyltransferase SMYD2'
2 non-polymer S-ADENOSYLMETHIONINE
3 non-polymer (R,R)-2,3-BUTANEDIOL
4 non-polymer 'SODIUM ION'
5 non-polymer 5-[2-[4-[2-(1~{H}-indol-3-yl)ethyl]piperazin-1-yl]phenyl]-~{N}-(3-pyrrolidin-1-ylpropyl)pyridine-3-carboxamide
6 non-polymer 'ZINC ION'
7 water water
#
_entity_poly.entity_id   1
_entity_poly.type   'polypeptide(L)'
_entity_poly.pdbx_seq_one_letter_code
;GLGGLERFCSPGKGRGLRALQPFQVGDLLFSCPAYAYVLTVNERGNHCEYCFTRKEGLSKCGRCKQAFYCNVECQKEDWP
MHKLECSPMVVFGENWNPSETVRLTARILAKQKIHPERTPSEKLLAVKEFESHLDKLDNEKKDLIQSDIAALHHFYSKHL
EFPDNDSLVVLFAQVNCNGFTIEDEELSHLGSAIFPDVALMNHSCCPNVIVTYKGTLAEVRAVQEIKPGEEVFTSYIDLL
YPTEDRNDRLRDSYFFTCECQECTTKDKDKAKVEIRKLSDPPKAEAIRDMVRYARNVIEEFRRAKHYKSPSELLEICELS
QEKMSSVFEDSNVYMLHMMYQAMGVCLYMQDWEGALQYGQKIIKPYSKHYPLYSLNVASMWLKLGRLYMGLEHKAAGEKA
LKKAIAIMEVAHGKDHPYISEIKQEIESH
;
_entity_poly.pdbx_strand_id   A
#
# COMPACT_ATOMS: atom_id res chain seq x y z
N GLY A 1 -9.10 13.76 21.55
CA GLY A 1 -7.69 13.83 21.16
C GLY A 1 -6.81 12.76 21.77
N LEU A 2 -5.86 12.22 20.94
CA LEU A 2 -4.86 11.15 21.27
C LEU A 2 -3.81 11.65 22.24
N GLY A 3 -3.49 10.83 23.23
CA GLY A 3 -2.49 11.15 24.24
C GLY A 3 -1.07 11.10 23.73
N GLY A 4 -0.35 12.22 23.92
CA GLY A 4 1.04 12.38 23.54
C GLY A 4 1.27 13.09 22.23
N LEU A 5 0.20 13.34 21.49
CA LEU A 5 0.21 13.98 20.16
C LEU A 5 -0.84 15.06 20.07
N GLU A 6 -0.79 15.86 19.00
CA GLU A 6 -1.81 16.89 18.78
C GLU A 6 -1.97 17.25 17.31
N ARG A 7 -3.20 17.66 16.93
CA ARG A 7 -3.51 18.15 15.59
C ARG A 7 -3.02 19.58 15.52
N PHE A 8 -2.36 19.95 14.43
CA PHE A 8 -1.88 21.34 14.28
C PHE A 8 -1.90 21.82 12.82
N CYS A 9 -1.62 23.10 12.62
CA CYS A 9 -1.54 23.74 11.31
C CYS A 9 -0.10 23.74 10.85
N SER A 10 0.23 22.82 9.92
CA SER A 10 1.58 22.68 9.40
C SER A 10 1.76 23.65 8.23
N PRO A 11 2.61 24.71 8.37
CA PRO A 11 2.74 25.71 7.29
C PRO A 11 3.11 25.13 5.91
N GLY A 12 2.21 25.37 4.97
CA GLY A 12 2.34 24.96 3.59
C GLY A 12 2.08 23.48 3.39
N LYS A 13 1.44 22.85 4.41
CA LYS A 13 1.09 21.42 4.47
C LYS A 13 -0.29 21.21 5.10
N GLY A 14 -1.09 22.27 5.19
CA GLY A 14 -2.44 22.24 5.76
C GLY A 14 -2.45 21.84 7.23
N ARG A 15 -3.11 20.71 7.55
CA ARG A 15 -3.19 20.18 8.92
C ARG A 15 -2.27 18.95 9.07
N GLY A 16 -1.63 18.86 10.23
CA GLY A 16 -0.74 17.76 10.52
C GLY A 16 -0.82 17.27 11.94
N LEU A 17 0.03 16.31 12.26
CA LEU A 17 0.12 15.69 13.57
C LEU A 17 1.49 16.01 14.11
N ARG A 18 1.58 16.54 15.36
CA ARG A 18 2.77 16.98 16.09
C ARG A 18 2.90 16.21 17.41
N ALA A 19 4.14 15.87 17.78
CA ALA A 19 4.45 15.19 19.05
C ALA A 19 4.51 16.14 20.22
N LEU A 20 3.97 15.69 21.35
CA LEU A 20 3.93 16.44 22.61
C LEU A 20 4.83 15.75 23.65
N GLN A 21 5.28 14.53 23.31
CA GLN A 21 6.17 13.72 24.12
C GLN A 21 7.17 13.02 23.19
N PRO A 22 8.35 12.59 23.69
CA PRO A 22 9.29 11.90 22.80
C PRO A 22 8.90 10.43 22.52
N PHE A 23 9.10 10.00 21.27
CA PHE A 23 8.87 8.62 20.84
C PHE A 23 10.18 8.07 20.34
N GLN A 24 10.51 6.83 20.75
CA GLN A 24 11.73 6.14 20.32
C GLN A 24 11.47 5.19 19.18
N VAL A 25 12.49 4.85 18.40
CA VAL A 25 12.42 3.86 17.31
C VAL A 25 11.69 2.58 17.82
N GLY A 26 10.63 2.20 17.09
CA GLY A 26 9.78 1.05 17.36
C GLY A 26 8.63 1.31 18.32
N ASP A 27 8.49 2.55 18.84
CA ASP A 27 7.43 2.93 19.78
C ASP A 27 6.11 3.13 19.07
N LEU A 28 5.00 2.61 19.66
CA LEU A 28 3.66 2.78 19.11
C LEU A 28 3.18 4.19 19.45
N LEU A 29 2.94 5.00 18.41
CA LEU A 29 2.50 6.38 18.62
C LEU A 29 1.03 6.37 18.96
N PHE A 30 0.22 5.65 18.17
CA PHE A 30 -1.22 5.47 18.28
C PHE A 30 -1.70 4.34 17.35
N SER A 31 -2.93 3.86 17.58
CA SER A 31 -3.64 2.86 16.80
C SER A 31 -4.96 3.48 16.43
N CYS A 32 -5.46 3.17 15.23
CA CYS A 32 -6.70 3.75 14.74
C CYS A 32 -7.61 2.62 14.20
N PRO A 33 -8.72 2.33 14.89
CA PRO A 33 -9.66 1.31 14.37
C PRO A 33 -10.24 1.81 13.03
N ALA A 34 -10.32 0.94 12.03
CA ALA A 34 -10.85 1.27 10.69
C ALA A 34 -12.23 1.86 10.84
N TYR A 35 -12.51 2.99 10.18
CA TYR A 35 -13.83 3.67 10.20
C TYR A 35 -14.78 2.92 9.26
N ALA A 36 -14.24 2.54 8.11
CA ALA A 36 -14.91 1.79 7.06
C ALA A 36 -13.78 1.04 6.38
N TYR A 37 -14.09 -0.14 5.82
CA TYR A 37 -13.13 -1.06 5.20
C TYR A 37 -13.84 -2.10 4.38
N VAL A 38 -13.07 -2.79 3.54
CA VAL A 38 -13.60 -3.79 2.62
C VAL A 38 -12.45 -4.74 2.26
N LEU A 39 -12.76 -6.07 2.26
CA LEU A 39 -11.81 -7.12 1.86
C LEU A 39 -11.84 -7.23 0.32
N THR A 40 -10.65 -7.21 -0.31
CA THR A 40 -10.51 -7.32 -1.76
C THR A 40 -11.10 -8.64 -2.26
N VAL A 41 -11.80 -8.59 -3.40
CA VAL A 41 -12.51 -9.74 -3.95
C VAL A 41 -11.62 -11.01 -4.08
N ASN A 42 -10.36 -10.91 -4.56
CA ASN A 42 -9.52 -12.11 -4.73
C ASN A 42 -9.00 -12.70 -3.40
N GLU A 43 -9.22 -12.00 -2.27
CA GLU A 43 -8.86 -12.47 -0.94
C GLU A 43 -10.04 -13.11 -0.20
N ARG A 44 -11.23 -13.17 -0.85
CA ARG A 44 -12.43 -13.77 -0.25
C ARG A 44 -12.23 -15.28 -0.07
N GLY A 45 -12.42 -15.75 1.15
CA GLY A 45 -12.24 -17.15 1.48
C GLY A 45 -10.95 -17.37 2.23
N ASN A 46 -9.96 -16.46 2.02
CA ASN A 46 -8.66 -16.52 2.70
C ASN A 46 -8.67 -15.83 4.02
N HIS A 47 -9.41 -14.71 4.08
CA HIS A 47 -9.53 -13.83 5.24
C HIS A 47 -10.97 -13.64 5.61
N CYS A 48 -11.20 -13.51 6.92
CA CYS A 48 -12.49 -13.19 7.50
C CYS A 48 -12.85 -11.75 7.07
N GLU A 49 -14.05 -11.61 6.51
CA GLU A 49 -14.63 -10.39 6.00
C GLU A 49 -14.78 -9.29 7.05
N TYR A 50 -14.88 -9.66 8.36
CA TYR A 50 -15.07 -8.73 9.48
C TYR A 50 -13.80 -8.30 10.22
N CYS A 51 -12.94 -9.26 10.57
CA CYS A 51 -11.75 -8.97 11.35
C CYS A 51 -10.43 -9.13 10.59
N PHE A 52 -10.47 -9.61 9.31
CA PHE A 52 -9.32 -9.78 8.37
C PHE A 52 -8.31 -10.81 8.80
N THR A 53 -8.75 -11.75 9.65
CA THR A 53 -7.95 -12.87 10.13
C THR A 53 -7.77 -13.86 9.00
N ARG A 54 -6.51 -14.10 8.63
CA ARG A 54 -6.13 -15.08 7.61
C ARG A 54 -6.04 -16.37 8.43
N LYS A 55 -6.99 -17.28 8.16
CA LYS A 55 -7.24 -18.53 8.88
C LYS A 55 -7.78 -19.56 7.87
N GLU A 56 -7.60 -20.84 8.19
CA GLU A 56 -8.09 -21.98 7.41
C GLU A 56 -9.48 -22.26 7.89
N GLY A 57 -10.32 -22.76 6.98
CA GLY A 57 -11.69 -23.16 7.24
C GLY A 57 -12.61 -22.11 7.85
N LEU A 58 -12.90 -21.08 7.04
CA LEU A 58 -13.81 -20.00 7.40
C LEU A 58 -15.26 -20.36 6.97
N SER A 59 -16.27 -19.90 7.74
CA SER A 59 -17.69 -20.16 7.47
C SER A 59 -18.18 -19.28 6.33
N LYS A 60 -18.88 -19.88 5.36
CA LYS A 60 -19.43 -19.21 4.18
C LYS A 60 -20.80 -18.57 4.49
N CYS A 61 -21.15 -17.46 3.81
CA CYS A 61 -22.47 -16.83 3.99
C CYS A 61 -23.46 -17.62 3.15
N GLY A 62 -24.38 -18.29 3.83
CA GLY A 62 -25.39 -19.11 3.19
C GLY A 62 -26.14 -18.45 2.05
N ARG A 63 -26.29 -17.11 2.07
CA ARG A 63 -27.04 -16.40 1.04
C ARG A 63 -26.23 -16.19 -0.25
N CYS A 64 -25.29 -15.25 -0.25
CA CYS A 64 -24.47 -14.91 -1.40
C CYS A 64 -23.41 -15.97 -1.73
N LYS A 65 -22.93 -16.73 -0.72
CA LYS A 65 -21.87 -17.75 -0.84
C LYS A 65 -20.54 -17.11 -1.29
N GLN A 66 -20.39 -15.81 -0.99
CA GLN A 66 -19.23 -15.00 -1.32
C GLN A 66 -18.77 -14.07 -0.21
N ALA A 67 -18.92 -14.49 1.06
CA ALA A 67 -18.47 -13.76 2.24
C ALA A 67 -18.17 -14.82 3.26
N PHE A 68 -16.96 -14.76 3.84
CA PHE A 68 -16.45 -15.76 4.75
C PHE A 68 -16.07 -15.18 6.11
N TYR A 69 -16.43 -15.88 7.19
CA TYR A 69 -16.17 -15.39 8.55
C TYR A 69 -15.58 -16.46 9.46
N CYS A 70 -14.95 -16.04 10.56
CA CYS A 70 -14.39 -16.90 11.59
C CYS A 70 -15.50 -17.79 12.17
N ASN A 71 -16.59 -17.15 12.57
CA ASN A 71 -17.74 -17.77 13.19
C ASN A 71 -18.99 -16.98 12.87
N VAL A 72 -20.08 -17.27 13.57
CA VAL A 72 -21.37 -16.61 13.43
C VAL A 72 -21.34 -15.19 14.03
N GLU A 73 -20.46 -14.94 15.01
CA GLU A 73 -20.35 -13.64 15.66
C GLU A 73 -19.75 -12.59 14.72
N CYS A 74 -18.72 -12.95 13.94
CA CYS A 74 -18.10 -12.07 12.96
C CYS A 74 -19.13 -11.75 11.88
N GLN A 75 -19.95 -12.75 11.52
CA GLN A 75 -21.00 -12.70 10.51
C GLN A 75 -22.12 -11.73 10.89
N LYS A 76 -22.56 -11.80 12.16
CA LYS A 76 -23.60 -10.90 12.70
C LYS A 76 -23.09 -9.45 12.80
N GLU A 77 -21.80 -9.30 13.17
CA GLU A 77 -21.17 -8.01 13.38
C GLU A 77 -20.86 -7.30 12.07
N ASP A 78 -20.64 -8.07 10.99
CA ASP A 78 -20.35 -7.57 9.66
C ASP A 78 -21.66 -7.35 8.86
N TRP A 79 -22.79 -7.95 9.31
CA TRP A 79 -24.06 -7.85 8.58
C TRP A 79 -24.44 -6.39 8.22
N PRO A 80 -24.41 -5.41 9.13
CA PRO A 80 -24.80 -4.04 8.71
C PRO A 80 -24.13 -3.54 7.45
N MET A 81 -22.89 -4.01 7.14
CA MET A 81 -22.06 -3.64 5.96
C MET A 81 -22.16 -4.67 4.88
N HIS A 82 -22.26 -5.91 5.27
CA HIS A 82 -22.39 -6.96 4.29
C HIS A 82 -23.74 -6.90 3.56
N LYS A 83 -24.82 -6.38 4.21
CA LYS A 83 -26.16 -6.31 3.60
C LYS A 83 -26.21 -5.41 2.38
N LEU A 84 -25.19 -4.54 2.20
CA LEU A 84 -25.06 -3.66 1.02
C LEU A 84 -24.74 -4.46 -0.25
N GLU A 85 -24.24 -5.70 -0.08
CA GLU A 85 -23.77 -6.55 -1.16
C GLU A 85 -24.34 -7.94 -1.20
N CYS A 86 -24.80 -8.50 -0.09
CA CYS A 86 -25.35 -9.85 -0.03
C CYS A 86 -26.33 -10.16 -1.17
N SER A 87 -27.57 -9.61 -1.13
CA SER A 87 -28.54 -9.85 -2.20
C SER A 87 -28.06 -9.26 -3.54
N PRO A 88 -27.55 -7.99 -3.63
CA PRO A 88 -27.06 -7.50 -4.93
C PRO A 88 -26.12 -8.46 -5.66
N MET A 89 -25.21 -9.18 -4.94
CA MET A 89 -24.28 -10.14 -5.54
C MET A 89 -24.98 -11.32 -6.19
N VAL A 90 -26.06 -11.81 -5.57
CA VAL A 90 -26.80 -12.92 -6.12
C VAL A 90 -27.79 -12.41 -7.23
N VAL A 91 -28.49 -11.29 -7.01
CA VAL A 91 -29.48 -10.72 -7.97
C VAL A 91 -28.79 -10.18 -9.27
N PHE A 92 -27.57 -9.61 -9.16
CA PHE A 92 -26.80 -9.09 -10.30
C PHE A 92 -25.93 -10.19 -10.92
N GLY A 93 -25.77 -11.31 -10.21
CA GLY A 93 -24.95 -12.44 -10.65
C GLY A 93 -23.54 -12.06 -11.00
N GLU A 94 -23.24 -12.04 -12.32
CA GLU A 94 -21.92 -11.69 -12.83
C GLU A 94 -21.87 -10.23 -13.35
N ASN A 95 -23.05 -9.57 -13.43
CA ASN A 95 -23.15 -8.15 -13.76
C ASN A 95 -22.62 -7.33 -12.55
N TRP A 96 -22.37 -8.03 -11.42
CA TRP A 96 -21.87 -7.42 -10.21
C TRP A 96 -20.36 -7.12 -10.32
N ASN A 97 -20.03 -5.86 -10.61
CA ASN A 97 -18.65 -5.45 -10.76
C ASN A 97 -18.36 -4.04 -10.25
N PRO A 98 -18.76 -3.62 -9.02
CA PRO A 98 -18.34 -2.30 -8.56
C PRO A 98 -16.84 -2.37 -8.21
N SER A 99 -16.13 -1.25 -8.43
CA SER A 99 -14.71 -1.14 -8.11
C SER A 99 -14.58 -1.05 -6.59
N GLU A 100 -13.40 -1.40 -6.04
CA GLU A 100 -13.13 -1.32 -4.61
C GLU A 100 -13.38 0.05 -3.99
N THR A 101 -13.17 1.13 -4.76
CA THR A 101 -13.38 2.49 -4.29
C THR A 101 -14.90 2.69 -4.09
N VAL A 102 -15.72 2.26 -5.10
CA VAL A 102 -17.20 2.37 -5.07
C VAL A 102 -17.71 1.58 -3.88
N ARG A 103 -17.15 0.37 -3.69
CA ARG A 103 -17.46 -0.54 -2.60
C ARG A 103 -17.17 0.13 -1.27
N LEU A 104 -16.00 0.81 -1.15
CA LEU A 104 -15.61 1.50 0.08
C LEU A 104 -16.51 2.71 0.38
N THR A 105 -16.74 3.57 -0.63
CA THR A 105 -17.61 4.73 -0.51
C THR A 105 -19.06 4.34 -0.09
N ALA A 106 -19.55 3.13 -0.51
CA ALA A 106 -20.90 2.65 -0.15
C ALA A 106 -20.98 2.41 1.32
N ARG A 107 -19.86 1.96 1.92
CA ARG A 107 -19.70 1.66 3.34
C ARG A 107 -19.48 2.92 4.22
N ILE A 108 -18.88 4.00 3.63
CA ILE A 108 -18.69 5.30 4.28
C ILE A 108 -20.09 5.87 4.47
N LEU A 109 -20.88 5.93 3.38
CA LEU A 109 -22.27 6.40 3.41
C LEU A 109 -23.09 5.56 4.40
N ALA A 110 -22.92 4.21 4.40
CA ALA A 110 -23.64 3.35 5.35
C ALA A 110 -23.24 3.66 6.81
N LYS A 111 -21.95 3.83 7.11
CA LYS A 111 -21.51 4.16 8.47
C LYS A 111 -22.11 5.52 8.90
N GLN A 112 -22.18 6.48 7.95
CA GLN A 112 -22.74 7.82 8.18
C GLN A 112 -24.23 7.82 8.59
N LYS A 113 -25.05 6.92 8.02
CA LYS A 113 -26.48 6.83 8.39
C LYS A 113 -26.61 6.19 9.79
N ILE A 114 -25.88 5.08 10.01
CA ILE A 114 -25.85 4.26 11.21
C ILE A 114 -25.31 5.04 12.42
N HIS A 115 -24.10 5.63 12.27
CA HIS A 115 -23.34 6.32 13.30
C HIS A 115 -22.94 7.76 12.88
N PRO A 116 -23.87 8.73 12.84
CA PRO A 116 -23.49 10.09 12.42
C PRO A 116 -22.54 10.83 13.37
N GLU A 117 -22.47 10.40 14.63
CA GLU A 117 -21.63 10.95 15.69
C GLU A 117 -20.15 10.65 15.39
N ARG A 118 -19.24 11.39 16.02
CA ARG A 118 -17.82 11.18 15.80
C ARG A 118 -17.39 9.83 16.43
N THR A 119 -16.75 9.00 15.61
CA THR A 119 -16.30 7.64 15.95
C THR A 119 -14.94 7.64 16.69
N PRO A 120 -14.56 6.51 17.36
CA PRO A 120 -13.21 6.42 17.95
C PRO A 120 -12.06 6.45 16.95
N SER A 121 -12.37 6.55 15.63
CA SER A 121 -11.41 6.58 14.51
C SER A 121 -11.10 8.02 14.13
N GLU A 122 -11.88 8.96 14.67
CA GLU A 122 -11.89 10.40 14.41
C GLU A 122 -11.66 11.19 15.68
N LYS A 123 -10.70 10.81 16.53
CA LYS A 123 -10.44 11.58 17.76
C LYS A 123 -9.76 12.92 17.43
N LEU A 124 -8.97 12.95 16.33
CA LEU A 124 -8.22 14.13 15.86
C LEU A 124 -8.72 14.70 14.52
N LEU A 125 -9.05 13.83 13.53
CA LEU A 125 -9.59 14.30 12.24
C LEU A 125 -10.85 13.52 11.89
N ALA A 126 -11.90 14.24 11.42
CA ALA A 126 -13.21 13.66 11.01
C ALA A 126 -13.32 13.45 9.49
N VAL A 127 -14.03 12.38 9.05
CA VAL A 127 -14.24 12.01 7.64
C VAL A 127 -14.81 13.22 6.84
N LYS A 128 -15.82 13.90 7.43
CA LYS A 128 -16.46 15.11 6.94
C LYS A 128 -15.45 16.27 6.73
N GLU A 129 -14.38 16.36 7.59
CA GLU A 129 -13.29 17.38 7.53
C GLU A 129 -12.21 16.99 6.50
N PHE A 130 -12.34 15.87 5.77
CA PHE A 130 -11.29 15.47 4.81
C PHE A 130 -11.02 16.49 3.68
N GLU A 131 -9.77 16.55 3.21
CA GLU A 131 -9.33 17.40 2.09
C GLU A 131 -9.71 16.66 0.80
N SER A 132 -10.31 17.39 -0.16
CA SER A 132 -10.81 16.78 -1.38
C SER A 132 -10.04 17.13 -2.65
N HIS A 133 -9.42 18.33 -2.66
CA HIS A 133 -8.74 18.93 -3.82
C HIS A 133 -9.71 18.99 -4.99
N LEU A 134 -10.98 19.25 -4.67
CA LEU A 134 -12.06 19.30 -5.62
C LEU A 134 -11.78 20.32 -6.71
N ASP A 135 -11.22 21.46 -6.32
CA ASP A 135 -10.91 22.57 -7.20
C ASP A 135 -9.68 22.32 -8.10
N LYS A 136 -8.83 21.35 -7.73
CA LYS A 136 -7.61 20.92 -8.44
C LYS A 136 -7.80 19.74 -9.47
N LEU A 137 -9.00 19.13 -9.54
CA LEU A 137 -9.25 17.98 -10.42
C LEU A 137 -9.22 18.31 -11.91
N ASP A 138 -8.63 17.42 -12.73
CA ASP A 138 -8.63 17.58 -14.19
C ASP A 138 -9.90 16.96 -14.78
N ASN A 139 -10.02 16.92 -16.11
CA ASN A 139 -11.18 16.31 -16.74
C ASN A 139 -11.16 14.79 -16.60
N GLU A 140 -9.98 14.14 -16.76
CA GLU A 140 -9.80 12.69 -16.61
C GLU A 140 -10.36 12.23 -15.25
N LYS A 141 -9.88 12.87 -14.15
CA LYS A 141 -10.29 12.62 -12.76
C LYS A 141 -11.79 12.81 -12.55
N LYS A 142 -12.34 13.98 -12.98
CA LYS A 142 -13.77 14.31 -12.86
C LYS A 142 -14.65 13.26 -13.53
N ASP A 143 -14.22 12.74 -14.73
CA ASP A 143 -14.90 11.68 -15.49
C ASP A 143 -14.84 10.33 -14.73
N LEU A 144 -13.74 10.05 -14.01
CA LEU A 144 -13.58 8.81 -13.25
C LEU A 144 -14.52 8.81 -12.06
N ILE A 145 -14.71 9.97 -11.42
CA ILE A 145 -15.61 10.14 -10.29
C ILE A 145 -17.06 9.99 -10.77
N GLN A 146 -17.36 10.51 -11.97
CA GLN A 146 -18.67 10.44 -12.63
C GLN A 146 -19.10 9.02 -13.01
N SER A 147 -18.13 8.16 -13.36
CA SER A 147 -18.37 6.76 -13.68
C SER A 147 -18.51 5.93 -12.41
N ASP A 148 -17.81 6.35 -11.33
CA ASP A 148 -17.85 5.78 -9.98
C ASP A 148 -19.20 6.10 -9.31
N ILE A 149 -19.72 7.36 -9.49
CA ILE A 149 -21.02 7.81 -8.95
C ILE A 149 -22.14 6.99 -9.62
N ALA A 150 -22.03 6.82 -10.95
CA ALA A 150 -22.92 6.02 -11.79
C ALA A 150 -22.99 4.58 -11.28
N ALA A 151 -21.83 3.96 -10.99
CA ALA A 151 -21.70 2.60 -10.47
C ALA A 151 -22.21 2.50 -9.02
N LEU A 152 -22.08 3.60 -8.23
CA LEU A 152 -22.56 3.64 -6.86
C LEU A 152 -24.07 3.61 -6.85
N HIS A 153 -24.69 4.34 -7.78
CA HIS A 153 -26.16 4.37 -7.89
C HIS A 153 -26.62 3.03 -8.42
N HIS A 154 -25.97 2.53 -9.51
CA HIS A 154 -26.28 1.26 -10.16
C HIS A 154 -26.33 0.03 -9.22
N PHE A 155 -25.37 -0.12 -8.28
CA PHE A 155 -25.22 -1.30 -7.40
C PHE A 155 -25.69 -1.20 -5.94
N TYR A 156 -25.67 0.02 -5.34
CA TYR A 156 -25.99 0.29 -3.93
C TYR A 156 -27.22 1.18 -3.72
N SER A 157 -28.22 1.09 -4.60
CA SER A 157 -29.38 1.97 -4.44
C SER A 157 -30.44 1.49 -3.42
N LYS A 158 -30.46 0.20 -3.09
CA LYS A 158 -31.40 -0.40 -2.14
C LYS A 158 -31.42 0.19 -0.74
N HIS A 159 -30.25 0.37 -0.08
CA HIS A 159 -30.15 0.75 1.34
C HIS A 159 -29.73 2.16 1.66
N LEU A 160 -29.15 2.84 0.69
CA LEU A 160 -28.62 4.18 0.85
C LEU A 160 -29.53 5.28 0.27
N GLU A 161 -29.62 6.40 0.98
CA GLU A 161 -30.27 7.63 0.50
C GLU A 161 -29.05 8.51 0.11
N PHE A 162 -28.92 8.81 -1.18
CA PHE A 162 -27.77 9.55 -1.67
C PHE A 162 -27.89 11.08 -1.60
N PRO A 163 -26.79 11.82 -1.26
CA PRO A 163 -26.86 13.29 -1.36
C PRO A 163 -26.81 13.72 -2.84
N ASP A 164 -26.85 15.06 -3.14
CA ASP A 164 -26.79 15.52 -4.55
C ASP A 164 -25.49 15.07 -5.25
N ASN A 165 -25.35 15.31 -6.56
CA ASN A 165 -24.15 14.84 -7.24
C ASN A 165 -22.90 15.63 -6.81
N ASP A 166 -23.10 16.87 -6.31
CA ASP A 166 -22.01 17.72 -5.81
C ASP A 166 -21.44 17.17 -4.51
N SER A 167 -22.27 16.52 -3.70
CA SER A 167 -21.84 15.93 -2.44
C SER A 167 -21.12 14.62 -2.72
N LEU A 168 -21.59 13.84 -3.74
CA LEU A 168 -20.96 12.57 -4.11
C LEU A 168 -19.61 12.80 -4.81
N VAL A 169 -19.50 13.83 -5.67
CA VAL A 169 -18.21 14.15 -6.29
C VAL A 169 -17.13 14.56 -5.20
N VAL A 170 -17.54 15.34 -4.13
CA VAL A 170 -16.68 15.75 -3.02
C VAL A 170 -16.23 14.48 -2.25
N LEU A 171 -17.18 13.63 -1.85
CA LEU A 171 -16.87 12.39 -1.16
C LEU A 171 -15.88 11.52 -1.93
N PHE A 172 -16.11 11.26 -3.24
CA PHE A 172 -15.20 10.43 -4.02
C PHE A 172 -13.79 11.02 -4.09
N ALA A 173 -13.68 12.36 -4.13
CA ALA A 173 -12.43 13.12 -4.13
C ALA A 173 -11.69 12.97 -2.81
N GLN A 174 -12.45 12.80 -1.70
CA GLN A 174 -11.91 12.60 -0.36
C GLN A 174 -11.37 11.19 -0.25
N VAL A 175 -12.14 10.19 -0.68
CA VAL A 175 -11.72 8.76 -0.65
C VAL A 175 -10.42 8.58 -1.44
N ASN A 176 -10.34 9.18 -2.64
CA ASN A 176 -9.17 9.11 -3.54
C ASN A 176 -7.93 9.86 -3.05
N CYS A 177 -8.10 10.73 -2.05
CA CYS A 177 -7.07 11.57 -1.49
C CYS A 177 -6.69 11.11 -0.07
N ASN A 178 -7.60 10.39 0.62
CA ASN A 178 -7.36 9.97 2.01
C ASN A 178 -7.48 8.45 2.31
N GLY A 179 -7.73 7.65 1.27
CA GLY A 179 -7.91 6.20 1.35
C GLY A 179 -6.64 5.41 1.49
N PHE A 180 -6.74 4.32 2.22
CA PHE A 180 -5.66 3.42 2.53
C PHE A 180 -5.89 2.03 1.92
N THR A 181 -4.82 1.42 1.39
CA THR A 181 -4.88 0.05 0.94
C THR A 181 -4.26 -0.71 2.08
N ILE A 182 -4.82 -1.89 2.43
CA ILE A 182 -4.29 -2.76 3.47
C ILE A 182 -3.54 -3.91 2.74
N GLU A 183 -2.24 -4.14 3.11
CA GLU A 183 -1.35 -5.16 2.56
C GLU A 183 -0.93 -6.11 3.66
N ASP A 184 -0.57 -7.34 3.29
CA ASP A 184 -0.08 -8.30 4.28
C ASP A 184 1.43 -8.22 4.42
N GLU A 185 2.01 -9.18 5.17
CA GLU A 185 3.46 -9.29 5.46
C GLU A 185 4.36 -9.37 4.19
N GLU A 186 3.81 -9.78 3.02
CA GLU A 186 4.50 -9.87 1.70
C GLU A 186 4.07 -8.73 0.73
N LEU A 187 3.49 -7.64 1.31
CA LEU A 187 2.96 -6.42 0.71
C LEU A 187 1.96 -6.69 -0.37
N SER A 188 1.15 -7.75 -0.13
CA SER A 188 0.08 -8.20 -1.02
C SER A 188 -1.23 -7.54 -0.61
N HIS A 189 -2.01 -7.08 -1.61
CA HIS A 189 -3.29 -6.38 -1.43
C HIS A 189 -4.35 -7.22 -0.77
N LEU A 190 -4.86 -6.72 0.37
CA LEU A 190 -5.92 -7.37 1.15
C LEU A 190 -7.23 -6.66 1.06
N GLY A 191 -7.19 -5.33 1.02
CA GLY A 191 -8.40 -4.53 0.99
C GLY A 191 -8.12 -3.05 1.04
N SER A 192 -9.17 -2.26 1.19
CA SER A 192 -9.13 -0.81 1.27
C SER A 192 -9.91 -0.36 2.50
N ALA A 193 -9.48 0.78 3.11
CA ALA A 193 -10.09 1.33 4.34
C ALA A 193 -9.91 2.82 4.53
N ILE A 194 -10.62 3.33 5.57
CA ILE A 194 -10.64 4.70 6.03
C ILE A 194 -10.16 4.73 7.47
N PHE A 195 -8.99 5.34 7.68
CA PHE A 195 -8.34 5.50 8.98
C PHE A 195 -8.23 7.02 9.18
N PRO A 196 -9.28 7.68 9.74
CA PRO A 196 -9.27 9.16 9.79
C PRO A 196 -8.06 9.79 10.51
N ASP A 197 -7.68 9.33 11.71
CA ASP A 197 -6.55 9.92 12.41
C ASP A 197 -5.22 9.66 11.75
N VAL A 198 -5.07 8.51 11.07
CA VAL A 198 -3.86 8.16 10.32
C VAL A 198 -3.71 9.10 9.08
N ALA A 199 -4.85 9.52 8.45
CA ALA A 199 -4.83 10.41 7.30
C ALA A 199 -4.53 11.87 7.67
N LEU A 200 -4.38 12.19 8.98
CA LEU A 200 -4.03 13.55 9.44
C LEU A 200 -2.55 13.81 9.18
N MET A 201 -1.72 12.73 9.12
CA MET A 201 -0.26 12.82 8.92
C MET A 201 0.07 13.16 7.49
N ASN A 202 1.04 14.09 7.36
CA ASN A 202 1.59 14.61 6.11
C ASN A 202 2.73 13.67 5.59
N HIS A 203 3.21 13.91 4.35
CA HIS A 203 4.25 13.09 3.72
C HIS A 203 5.67 13.61 3.88
N SER A 204 6.64 12.67 3.86
CA SER A 204 8.08 12.92 3.78
C SER A 204 8.72 11.74 3.12
N CYS A 205 9.75 11.97 2.30
CA CYS A 205 10.49 10.89 1.65
C CYS A 205 11.50 10.28 2.60
N CYS A 206 11.56 10.83 3.82
CA CYS A 206 12.33 10.35 4.96
C CYS A 206 11.39 10.42 6.20
N PRO A 207 10.39 9.49 6.23
CA PRO A 207 9.39 9.53 7.30
C PRO A 207 9.97 9.19 8.67
N ASN A 208 9.25 9.57 9.70
CA ASN A 208 9.67 9.23 11.04
C ASN A 208 8.79 8.10 11.58
N VAL A 209 7.73 7.73 10.81
CA VAL A 209 6.79 6.64 11.15
C VAL A 209 6.50 5.68 9.96
N ILE A 210 5.99 4.49 10.30
CA ILE A 210 5.52 3.47 9.38
C ILE A 210 4.14 2.98 9.86
N VAL A 211 3.15 2.99 8.95
CA VAL A 211 1.83 2.45 9.19
C VAL A 211 1.86 0.95 8.83
N THR A 212 1.42 0.10 9.78
CA THR A 212 1.22 -1.34 9.62
C THR A 212 -0.21 -1.60 10.04
N TYR A 213 -0.74 -2.79 9.69
CA TYR A 213 -2.10 -3.21 9.98
C TYR A 213 -2.09 -4.52 10.80
N LYS A 214 -3.00 -4.62 11.78
CA LYS A 214 -3.21 -5.77 12.64
C LYS A 214 -4.73 -6.05 12.53
N GLY A 215 -5.08 -6.77 11.47
CA GLY A 215 -6.45 -7.07 11.06
C GLY A 215 -6.90 -5.86 10.26
N THR A 216 -7.93 -5.16 10.76
CA THR A 216 -8.41 -3.91 10.18
C THR A 216 -7.90 -2.69 11.02
N LEU A 217 -7.18 -2.94 12.12
CA LEU A 217 -6.59 -1.89 12.96
C LEU A 217 -5.28 -1.33 12.37
N ALA A 218 -5.17 0.01 12.23
CA ALA A 218 -3.90 0.58 11.77
C ALA A 218 -3.06 0.94 12.97
N GLU A 219 -1.77 0.62 12.90
CA GLU A 219 -0.79 0.95 13.94
C GLU A 219 0.27 1.85 13.39
N VAL A 220 0.62 2.91 14.16
CA VAL A 220 1.65 3.84 13.73
C VAL A 220 2.93 3.70 14.65
N ARG A 221 4.11 3.38 14.06
CA ARG A 221 5.35 3.24 14.87
C ARG A 221 6.52 4.07 14.38
N ALA A 222 7.28 4.66 15.33
CA ALA A 222 8.47 5.46 15.04
C ALA A 222 9.58 4.63 14.39
N VAL A 223 10.18 5.15 13.32
CA VAL A 223 11.26 4.50 12.58
C VAL A 223 12.46 5.43 12.57
N GLN A 224 12.32 6.51 13.34
CA GLN A 224 13.25 7.59 13.62
C GLN A 224 12.82 8.16 14.95
N GLU A 225 13.74 8.77 15.66
CA GLU A 225 13.47 9.42 16.92
C GLU A 225 12.57 10.64 16.64
N ILE A 226 11.50 10.79 17.43
CA ILE A 226 10.54 11.90 17.36
C ILE A 226 10.63 12.64 18.71
N LYS A 227 10.93 13.95 18.66
CA LYS A 227 11.09 14.79 19.85
C LYS A 227 9.89 15.74 20.03
N PRO A 228 9.48 16.16 21.27
CA PRO A 228 8.31 17.06 21.39
C PRO A 228 8.43 18.28 20.49
N GLY A 229 7.35 18.61 19.77
CA GLY A 229 7.32 19.72 18.84
C GLY A 229 7.54 19.35 17.39
N GLU A 230 8.12 18.16 17.16
CA GLU A 230 8.38 17.67 15.81
C GLU A 230 7.09 17.13 15.18
N GLU A 231 6.91 17.36 13.89
CA GLU A 231 5.74 16.87 13.16
C GLU A 231 5.98 15.40 12.88
N VAL A 232 4.88 14.62 12.74
CA VAL A 232 4.86 13.19 12.45
C VAL A 232 4.49 13.00 10.99
N PHE A 233 5.48 12.60 10.21
CA PHE A 233 5.49 12.40 8.78
C PHE A 233 5.62 10.93 8.49
N THR A 234 4.77 10.44 7.58
CA THR A 234 4.70 9.07 7.05
C THR A 234 4.91 9.15 5.51
N SER A 235 5.41 8.09 4.83
CA SER A 235 5.49 8.12 3.37
C SER A 235 4.14 7.66 2.70
N TYR A 236 3.75 8.31 1.60
CA TYR A 236 2.52 8.10 0.79
C TYR A 236 2.76 7.22 -0.42
N ILE A 237 4.03 7.12 -0.86
CA ILE A 237 4.54 6.54 -2.09
C ILE A 237 5.76 5.66 -1.85
N ASP A 238 6.22 4.94 -2.91
CA ASP A 238 7.37 4.04 -2.91
C ASP A 238 8.62 4.90 -2.88
N LEU A 239 9.46 4.71 -1.86
CA LEU A 239 10.66 5.52 -1.64
C LEU A 239 11.91 5.08 -2.41
N LEU A 240 11.78 4.16 -3.34
CA LEU A 240 12.89 3.63 -4.14
C LEU A 240 13.32 4.58 -5.24
N TYR A 241 12.36 5.23 -5.86
CA TYR A 241 12.53 6.05 -7.06
C TYR A 241 13.17 7.40 -6.79
N PRO A 242 13.84 8.01 -7.82
CA PRO A 242 14.50 9.31 -7.63
C PRO A 242 13.52 10.45 -7.38
N THR A 243 14.03 11.67 -7.08
CA THR A 243 13.20 12.82 -6.71
C THR A 243 12.06 13.09 -7.72
N GLU A 244 12.40 13.28 -8.99
CA GLU A 244 11.45 13.64 -10.03
C GLU A 244 10.26 12.67 -10.09
N ASP A 245 10.55 11.33 -10.13
CA ASP A 245 9.57 10.23 -10.17
C ASP A 245 8.66 10.30 -8.97
N ARG A 246 9.27 10.41 -7.75
CA ARG A 246 8.51 10.52 -6.50
C ARG A 246 7.58 11.69 -6.57
N ASN A 247 8.08 12.88 -6.97
CA ASN A 247 7.26 14.06 -7.05
C ASN A 247 6.20 14.04 -8.15
N ASP A 248 6.39 13.21 -9.19
CA ASP A 248 5.42 13.06 -10.27
C ASP A 248 4.22 12.22 -9.79
N ARG A 249 4.52 11.28 -8.89
CA ARG A 249 3.52 10.42 -8.26
C ARG A 249 2.72 11.26 -7.27
N LEU A 250 3.41 12.10 -6.47
CA LEU A 250 2.78 12.95 -5.44
C LEU A 250 1.82 13.98 -6.03
N ARG A 251 2.23 14.66 -7.09
CA ARG A 251 1.42 15.62 -7.80
C ARG A 251 0.20 15.02 -8.50
N ASP A 252 0.31 13.78 -9.01
CA ASP A 252 -0.79 13.11 -9.71
C ASP A 252 -1.81 12.56 -8.73
N SER A 253 -1.35 11.96 -7.65
CA SER A 253 -2.21 11.32 -6.66
C SER A 253 -2.68 12.26 -5.54
N TYR A 254 -1.79 13.17 -5.04
CA TYR A 254 -2.07 13.99 -3.86
C TYR A 254 -1.90 15.50 -4.06
N PHE A 255 -1.72 15.98 -5.32
CA PHE A 255 -1.73 17.39 -5.71
C PHE A 255 -0.81 18.29 -4.93
N PHE A 256 0.42 17.83 -4.66
CA PHE A 256 1.41 18.63 -3.97
C PHE A 256 2.78 18.18 -4.39
N THR A 257 3.79 19.04 -4.14
CA THR A 257 5.22 18.83 -4.36
C THR A 257 5.90 18.82 -2.99
N CYS A 258 6.68 17.78 -2.76
CA CYS A 258 7.38 17.56 -1.52
C CYS A 258 8.66 18.37 -1.49
N GLU A 259 8.89 19.04 -0.37
CA GLU A 259 10.07 19.87 -0.14
C GLU A 259 10.94 19.26 0.98
N CYS A 260 10.76 17.98 1.31
CA CYS A 260 11.54 17.31 2.35
C CYS A 260 13.07 17.31 2.09
N GLN A 261 13.86 16.85 3.09
CA GLN A 261 15.32 16.82 3.02
C GLN A 261 15.80 16.01 1.83
N GLU A 262 15.15 14.89 1.54
CA GLU A 262 15.47 14.03 0.40
C GLU A 262 15.23 14.70 -0.96
N CYS A 263 14.13 15.47 -1.08
CA CYS A 263 13.71 16.17 -2.29
C CYS A 263 14.50 17.49 -2.50
N THR A 264 14.78 18.23 -1.41
CA THR A 264 15.53 19.50 -1.45
C THR A 264 16.97 19.23 -1.91
N THR A 265 17.62 18.34 -1.18
CA THR A 265 18.99 17.91 -1.29
C THR A 265 19.28 17.14 -2.59
N LYS A 266 18.37 16.23 -3.04
CA LYS A 266 18.47 15.32 -4.20
C LYS A 266 19.72 14.44 -4.14
N ASP A 267 20.34 14.27 -2.96
CA ASP A 267 21.59 13.54 -2.69
C ASP A 267 21.60 12.08 -3.09
N LYS A 268 20.50 11.38 -2.81
CA LYS A 268 20.35 9.96 -3.11
C LYS A 268 20.00 9.69 -4.59
N ASP A 269 19.81 10.76 -5.43
CA ASP A 269 19.41 10.66 -6.84
C ASP A 269 20.39 9.97 -7.75
N LYS A 270 21.70 10.32 -7.66
CA LYS A 270 22.79 9.78 -8.50
C LYS A 270 23.00 8.29 -8.26
N ALA A 271 22.97 7.86 -6.95
CA ALA A 271 23.07 6.47 -6.49
C ALA A 271 21.96 5.62 -7.12
N LYS A 272 20.71 6.20 -7.09
CA LYS A 272 19.46 5.65 -7.60
C LYS A 272 19.57 5.32 -9.09
N VAL A 273 20.03 6.27 -9.91
CA VAL A 273 20.23 6.07 -11.34
C VAL A 273 21.74 5.80 -11.57
N GLU A 274 22.23 4.65 -11.03
CA GLU A 274 23.63 4.21 -11.16
C GLU A 274 23.94 3.92 -12.63
N ILE A 275 25.02 4.52 -13.15
CA ILE A 275 25.44 4.37 -14.54
C ILE A 275 26.67 3.47 -14.62
N ARG A 276 26.76 2.64 -15.70
CA ARG A 276 27.86 1.70 -15.96
C ARG A 276 29.15 2.50 -16.14
N LYS A 277 30.21 2.14 -15.38
CA LYS A 277 31.48 2.84 -15.54
C LYS A 277 32.17 2.24 -16.77
N LEU A 278 31.86 2.82 -17.96
CA LEU A 278 32.38 2.36 -19.25
C LEU A 278 33.67 3.10 -19.59
N SER A 279 34.66 2.39 -20.19
CA SER A 279 35.95 2.95 -20.64
C SER A 279 35.71 4.20 -21.48
N ASP A 280 34.60 4.18 -22.26
CA ASP A 280 34.06 5.29 -23.05
C ASP A 280 32.75 5.63 -22.29
N PRO A 281 32.81 6.55 -21.30
CA PRO A 281 31.61 6.86 -20.49
C PRO A 281 30.38 7.30 -21.29
N PRO A 282 29.14 7.00 -20.81
CA PRO A 282 27.95 7.41 -21.59
C PRO A 282 27.67 8.90 -21.50
N LYS A 283 27.15 9.48 -22.59
CA LYS A 283 26.84 10.90 -22.71
C LYS A 283 25.63 11.27 -21.84
N ALA A 284 25.53 12.55 -21.42
CA ALA A 284 24.42 13.05 -20.60
C ALA A 284 23.08 12.90 -21.33
N GLU A 285 23.05 13.07 -22.67
CA GLU A 285 21.84 12.89 -23.48
C GLU A 285 21.44 11.41 -23.56
N ALA A 286 22.46 10.50 -23.60
CA ALA A 286 22.27 9.03 -23.60
C ALA A 286 21.61 8.56 -22.28
N ILE A 287 21.97 9.22 -21.14
CA ILE A 287 21.42 8.96 -19.80
C ILE A 287 19.96 9.44 -19.79
N ARG A 288 19.73 10.71 -20.21
CA ARG A 288 18.39 11.32 -20.25
C ARG A 288 17.41 10.49 -21.09
N ASP A 289 17.92 9.89 -22.20
CA ASP A 289 17.15 9.05 -23.13
C ASP A 289 16.83 7.65 -22.60
N MET A 290 17.75 7.04 -21.80
CA MET A 290 17.54 5.71 -21.20
C MET A 290 16.54 5.79 -20.05
N VAL A 291 16.58 6.90 -19.27
CA VAL A 291 15.63 7.16 -18.17
C VAL A 291 14.22 7.32 -18.79
N ARG A 292 14.14 7.92 -20.00
CA ARG A 292 12.87 8.04 -20.71
C ARG A 292 12.35 6.66 -21.11
N TYR A 293 13.23 5.77 -21.64
CA TYR A 293 12.84 4.40 -22.01
C TYR A 293 12.39 3.64 -20.77
N ALA A 294 13.17 3.77 -19.67
CA ALA A 294 12.91 3.12 -18.38
C ALA A 294 11.53 3.52 -17.84
N ARG A 295 11.25 4.84 -17.74
CA ARG A 295 9.97 5.32 -17.26
C ARG A 295 8.84 4.83 -18.19
N ASN A 296 9.13 4.61 -19.51
CA ASN A 296 8.16 4.14 -20.50
C ASN A 296 7.83 2.65 -20.42
N VAL A 297 8.87 1.76 -20.37
CA VAL A 297 8.67 0.31 -20.27
C VAL A 297 7.92 -0.06 -19.00
N ILE A 298 8.17 0.69 -17.90
CA ILE A 298 7.51 0.57 -16.61
C ILE A 298 5.98 0.69 -16.81
N GLU A 299 5.54 1.73 -17.58
CA GLU A 299 4.12 1.95 -17.93
C GLU A 299 3.58 0.88 -18.88
N GLU A 300 4.36 0.49 -19.90
CA GLU A 300 3.95 -0.54 -20.87
C GLU A 300 3.65 -1.85 -20.14
N PHE A 301 4.50 -2.22 -19.14
CA PHE A 301 4.33 -3.42 -18.32
C PHE A 301 3.07 -3.30 -17.46
N ARG A 302 2.79 -2.12 -16.88
CA ARG A 302 1.57 -1.92 -16.08
C ARG A 302 0.32 -2.34 -16.90
N ARG A 303 0.35 -2.13 -18.24
CA ARG A 303 -0.74 -2.49 -19.15
C ARG A 303 -0.63 -3.95 -19.57
N ALA A 304 0.54 -4.35 -20.11
CA ALA A 304 0.83 -5.69 -20.62
C ALA A 304 0.47 -6.82 -19.67
N LYS A 305 0.40 -6.59 -18.34
CA LYS A 305 0.03 -7.71 -17.45
C LYS A 305 -1.48 -7.97 -17.47
N HIS A 306 -2.28 -7.04 -18.02
CA HIS A 306 -3.72 -7.27 -18.18
C HIS A 306 -4.03 -8.04 -19.45
N TYR A 307 -3.10 -8.07 -20.45
CA TYR A 307 -3.39 -8.74 -21.73
C TYR A 307 -2.27 -9.68 -22.30
N LYS A 308 -1.06 -9.74 -21.70
CA LYS A 308 0.00 -10.66 -22.18
C LYS A 308 0.16 -11.91 -21.24
N SER A 309 0.74 -12.99 -21.79
CA SER A 309 0.94 -14.25 -21.09
C SER A 309 2.09 -14.19 -20.06
N PRO A 310 2.17 -15.12 -19.06
CA PRO A 310 3.27 -15.06 -18.10
C PRO A 310 4.66 -14.97 -18.76
N SER A 311 4.95 -15.87 -19.71
CA SER A 311 6.21 -15.92 -20.49
C SER A 311 6.41 -14.74 -21.46
N GLU A 312 5.33 -14.05 -21.86
CA GLU A 312 5.43 -12.87 -22.70
C GLU A 312 5.87 -11.69 -21.83
N LEU A 313 5.45 -11.71 -20.55
CA LEU A 313 5.80 -10.69 -19.56
C LEU A 313 7.27 -10.82 -19.13
N LEU A 314 7.75 -12.05 -18.83
CA LEU A 314 9.17 -12.32 -18.49
C LEU A 314 10.05 -11.90 -19.66
N GLU A 315 9.56 -12.02 -20.91
CA GLU A 315 10.30 -11.60 -22.10
C GLU A 315 10.50 -10.08 -22.11
N ILE A 316 9.45 -9.28 -21.76
CA ILE A 316 9.53 -7.82 -21.65
C ILE A 316 10.59 -7.47 -20.60
N CYS A 317 10.51 -8.15 -19.46
CA CYS A 317 11.40 -7.98 -18.33
C CYS A 317 12.85 -8.19 -18.67
N GLU A 318 13.14 -9.26 -19.39
CA GLU A 318 14.47 -9.62 -19.83
C GLU A 318 14.97 -8.69 -20.94
N LEU A 319 14.13 -8.45 -21.97
CA LEU A 319 14.46 -7.60 -23.12
C LEU A 319 14.76 -6.15 -22.71
N SER A 320 13.95 -5.57 -21.80
CA SER A 320 14.15 -4.19 -21.32
C SER A 320 15.43 -4.07 -20.46
N GLN A 321 15.72 -5.08 -19.62
CA GLN A 321 16.90 -5.12 -18.77
C GLN A 321 18.15 -5.12 -19.66
N GLU A 322 18.13 -6.00 -20.69
CA GLU A 322 19.17 -6.19 -21.72
C GLU A 322 19.48 -4.86 -22.44
N LYS A 323 18.43 -4.07 -22.77
CA LYS A 323 18.59 -2.77 -23.41
C LYS A 323 19.20 -1.78 -22.42
N MET A 324 18.60 -1.65 -21.21
CA MET A 324 19.07 -0.72 -20.16
C MET A 324 20.51 -0.96 -19.67
N SER A 325 20.93 -2.26 -19.57
CA SER A 325 22.26 -2.69 -19.07
C SER A 325 23.43 -2.03 -19.78
N SER A 326 23.24 -1.62 -21.05
CA SER A 326 24.24 -0.92 -21.86
C SER A 326 24.65 0.41 -21.19
N VAL A 327 23.67 1.16 -20.68
CA VAL A 327 23.84 2.46 -20.03
C VAL A 327 23.83 2.34 -18.48
N PHE A 328 22.88 1.57 -17.92
CA PHE A 328 22.62 1.40 -16.49
C PHE A 328 23.34 0.22 -15.84
N GLU A 329 23.65 0.39 -14.55
CA GLU A 329 24.28 -0.60 -13.68
C GLU A 329 23.14 -1.47 -13.11
N ASP A 330 23.44 -2.68 -12.62
CA ASP A 330 22.42 -3.59 -12.07
C ASP A 330 21.69 -3.01 -10.89
N SER A 331 22.35 -2.15 -10.09
CA SER A 331 21.77 -1.51 -8.90
C SER A 331 20.81 -0.34 -9.20
N ASN A 332 20.78 0.14 -10.45
CA ASN A 332 19.90 1.22 -10.89
C ASN A 332 18.45 0.80 -10.61
N VAL A 333 17.65 1.70 -10.00
CA VAL A 333 16.26 1.43 -9.57
C VAL A 333 15.37 0.96 -10.74
N TYR A 334 15.66 1.45 -11.96
CA TYR A 334 14.92 1.06 -13.16
C TYR A 334 15.19 -0.37 -13.51
N MET A 335 16.44 -0.84 -13.33
CA MET A 335 16.78 -2.24 -13.55
C MET A 335 16.01 -3.08 -12.49
N LEU A 336 16.17 -2.68 -11.22
CA LEU A 336 15.56 -3.22 -10.02
C LEU A 336 14.04 -3.34 -10.12
N HIS A 337 13.36 -2.45 -10.86
CA HIS A 337 11.90 -2.52 -11.06
C HIS A 337 11.54 -3.71 -11.97
N MET A 338 12.24 -3.81 -13.10
CA MET A 338 12.05 -4.87 -14.07
C MET A 338 12.38 -6.23 -13.47
N MET A 339 13.33 -6.27 -12.52
CA MET A 339 13.71 -7.48 -11.78
C MET A 339 12.61 -7.83 -10.79
N TYR A 340 12.06 -6.83 -10.10
CA TYR A 340 10.96 -7.01 -9.17
C TYR A 340 9.70 -7.56 -9.92
N GLN A 341 9.43 -7.00 -11.11
CA GLN A 341 8.31 -7.41 -11.94
C GLN A 341 8.45 -8.86 -12.36
N ALA A 342 9.68 -9.26 -12.76
CA ALA A 342 9.95 -10.63 -13.20
C ALA A 342 9.83 -11.65 -12.05
N MET A 343 10.34 -11.32 -10.85
CA MET A 343 10.19 -12.14 -9.64
C MET A 343 8.71 -12.35 -9.31
N GLY A 344 7.88 -11.35 -9.56
CA GLY A 344 6.44 -11.39 -9.33
C GLY A 344 5.77 -12.39 -10.24
N VAL A 345 6.21 -12.46 -11.51
CA VAL A 345 5.65 -13.38 -12.50
C VAL A 345 6.02 -14.84 -12.14
N CYS A 346 7.28 -15.06 -11.73
CA CYS A 346 7.74 -16.38 -11.34
C CYS A 346 6.97 -16.86 -10.14
N LEU A 347 6.75 -15.99 -9.14
CA LEU A 347 5.97 -16.30 -7.94
C LEU A 347 4.51 -16.64 -8.34
N TYR A 348 3.93 -15.91 -9.36
CA TYR A 348 2.57 -16.20 -9.86
C TYR A 348 2.53 -17.61 -10.46
N MET A 349 3.48 -17.87 -11.37
CA MET A 349 3.66 -19.14 -12.09
C MET A 349 4.01 -20.31 -11.16
N GLN A 350 4.31 -20.02 -9.86
CA GLN A 350 4.72 -20.98 -8.82
C GLN A 350 6.12 -21.58 -9.15
N ASP A 351 6.94 -20.83 -9.94
CA ASP A 351 8.32 -21.16 -10.32
C ASP A 351 9.19 -20.54 -9.22
N TRP A 352 9.30 -21.30 -8.12
CA TRP A 352 10.01 -20.87 -6.92
C TRP A 352 11.49 -20.66 -7.11
N GLU A 353 12.13 -21.37 -8.05
CA GLU A 353 13.57 -21.21 -8.29
C GLU A 353 13.85 -19.88 -8.97
N GLY A 354 13.11 -19.60 -10.04
CA GLY A 354 13.22 -18.38 -10.81
C GLY A 354 12.93 -17.16 -9.99
N ALA A 355 11.92 -17.23 -9.10
CA ALA A 355 11.57 -16.15 -8.18
C ALA A 355 12.77 -15.90 -7.27
N LEU A 356 13.35 -16.99 -6.68
CA LEU A 356 14.57 -16.96 -5.83
C LEU A 356 15.80 -16.38 -6.55
N GLN A 357 15.93 -16.58 -7.87
CA GLN A 357 17.06 -16.05 -8.62
C GLN A 357 17.01 -14.52 -8.69
N TYR A 358 15.84 -13.98 -9.08
CA TYR A 358 15.62 -12.54 -9.17
C TYR A 358 15.67 -11.92 -7.78
N GLY A 359 15.16 -12.62 -6.77
CA GLY A 359 15.17 -12.18 -5.38
C GLY A 359 16.59 -11.90 -4.90
N GLN A 360 17.49 -12.88 -5.12
CA GLN A 360 18.91 -12.80 -4.78
C GLN A 360 19.63 -11.59 -5.40
N LYS A 361 19.33 -11.30 -6.68
CA LYS A 361 19.87 -10.19 -7.46
C LYS A 361 19.34 -8.85 -6.93
N ILE A 362 18.04 -8.77 -6.60
CA ILE A 362 17.39 -7.54 -6.13
C ILE A 362 17.84 -7.07 -4.77
N ILE A 363 17.78 -7.93 -3.76
CA ILE A 363 17.90 -7.68 -2.32
C ILE A 363 18.96 -6.68 -1.85
N LYS A 364 20.28 -6.90 -2.16
CA LYS A 364 21.35 -6.03 -1.66
C LYS A 364 21.19 -4.60 -2.16
N PRO A 365 21.09 -4.30 -3.49
CA PRO A 365 20.92 -2.90 -3.91
C PRO A 365 19.66 -2.26 -3.33
N TYR A 366 18.57 -3.04 -3.32
CA TYR A 366 17.25 -2.67 -2.80
C TYR A 366 17.40 -2.25 -1.30
N SER A 367 18.22 -3.00 -0.52
CA SER A 367 18.46 -2.73 0.90
C SER A 367 18.96 -1.32 1.15
N LYS A 368 20.01 -0.90 0.41
CA LYS A 368 20.66 0.42 0.50
C LYS A 368 19.78 1.58 -0.07
N HIS A 369 18.89 1.30 -1.06
CA HIS A 369 18.00 2.30 -1.70
C HIS A 369 16.81 2.78 -0.86
N TYR A 370 16.40 1.98 0.11
CA TYR A 370 15.27 2.32 0.98
C TYR A 370 15.74 2.81 2.36
N PRO A 371 14.87 3.48 3.16
CA PRO A 371 15.29 3.87 4.51
C PRO A 371 15.58 2.64 5.38
N LEU A 372 16.21 2.86 6.53
CA LEU A 372 16.62 1.81 7.47
C LEU A 372 15.50 0.79 7.73
N TYR A 373 14.32 1.30 8.15
CA TYR A 373 13.18 0.43 8.39
C TYR A 373 12.24 0.61 7.21
N SER A 374 12.10 -0.43 6.38
CA SER A 374 11.26 -0.36 5.19
C SER A 374 10.44 -1.61 5.05
N LEU A 375 9.12 -1.42 4.79
CA LEU A 375 8.17 -2.52 4.58
C LEU A 375 8.53 -3.35 3.35
N ASN A 376 8.96 -2.67 2.28
CA ASN A 376 9.45 -3.15 0.99
C ASN A 376 10.63 -4.08 1.15
N VAL A 377 11.59 -3.67 1.99
CA VAL A 377 12.80 -4.45 2.27
C VAL A 377 12.43 -5.70 3.10
N ALA A 378 11.66 -5.49 4.19
CA ALA A 378 11.24 -6.55 5.09
C ALA A 378 10.48 -7.63 4.33
N SER A 379 9.63 -7.22 3.38
CA SER A 379 8.86 -8.12 2.52
C SER A 379 9.77 -8.88 1.52
N MET A 380 10.82 -8.22 0.99
CA MET A 380 11.76 -8.87 0.07
C MET A 380 12.53 -9.95 0.78
N TRP A 381 13.02 -9.70 2.00
CA TRP A 381 13.71 -10.66 2.86
C TRP A 381 12.80 -11.83 3.19
N LEU A 382 11.54 -11.52 3.53
CA LEU A 382 10.54 -12.51 3.88
C LEU A 382 10.31 -13.46 2.70
N LYS A 383 10.09 -12.91 1.47
CA LYS A 383 9.89 -13.68 0.23
C LYS A 383 11.08 -14.60 0.01
N LEU A 384 12.30 -14.03 0.07
CA LEU A 384 13.58 -14.70 -0.06
C LEU A 384 13.74 -15.86 0.95
N GLY A 385 13.39 -15.61 2.22
CA GLY A 385 13.44 -16.61 3.29
C GLY A 385 12.51 -17.79 3.07
N ARG A 386 11.25 -17.47 2.73
CA ARG A 386 10.18 -18.41 2.42
C ARG A 386 10.48 -19.29 1.20
N LEU A 387 11.19 -18.74 0.19
CA LEU A 387 11.65 -19.46 -1.02
C LEU A 387 12.80 -20.40 -0.68
N TYR A 388 13.82 -19.87 0.04
CA TYR A 388 14.98 -20.65 0.48
C TYR A 388 14.47 -21.85 1.26
N MET A 389 13.66 -21.59 2.30
CA MET A 389 13.04 -22.63 3.13
C MET A 389 12.25 -23.65 2.29
N GLY A 390 11.54 -23.15 1.29
CA GLY A 390 10.73 -23.96 0.39
C GLY A 390 11.61 -24.92 -0.36
N LEU A 391 12.65 -24.38 -1.00
CA LEU A 391 13.62 -25.16 -1.78
C LEU A 391 14.61 -25.94 -0.90
N GLU A 392 14.38 -25.91 0.44
CA GLU A 392 15.11 -26.62 1.51
C GLU A 392 16.50 -26.01 1.85
N HIS A 393 16.73 -24.71 1.52
CA HIS A 393 17.98 -24.00 1.85
C HIS A 393 17.80 -23.38 3.26
N LYS A 394 17.78 -24.25 4.31
CA LYS A 394 17.47 -23.92 5.71
C LYS A 394 18.37 -22.88 6.35
N ALA A 395 19.68 -22.93 6.07
CA ALA A 395 20.62 -21.96 6.59
C ALA A 395 20.33 -20.55 6.07
N ALA A 396 20.15 -20.40 4.74
CA ALA A 396 19.89 -19.12 4.05
C ALA A 396 18.48 -18.56 4.34
N GLY A 397 17.50 -19.48 4.50
CA GLY A 397 16.13 -19.19 4.83
C GLY A 397 16.06 -18.59 6.21
N GLU A 398 16.67 -19.27 7.19
CA GLU A 398 16.80 -18.79 8.56
C GLU A 398 17.44 -17.40 8.59
N LYS A 399 18.51 -17.15 7.82
CA LYS A 399 19.16 -15.83 7.76
C LYS A 399 18.24 -14.72 7.22
N ALA A 400 17.55 -14.95 6.07
CA ALA A 400 16.63 -13.99 5.45
C ALA A 400 15.39 -13.76 6.31
N LEU A 401 14.86 -14.82 6.97
CA LEU A 401 13.70 -14.65 7.85
C LEU A 401 14.08 -13.83 9.11
N LYS A 402 15.29 -14.03 9.66
CA LYS A 402 15.78 -13.30 10.82
C LYS A 402 16.04 -11.80 10.51
N LYS A 403 16.28 -11.46 9.23
CA LYS A 403 16.47 -10.10 8.72
C LYS A 403 15.10 -9.44 8.63
N ALA A 404 14.12 -10.14 8.02
CA ALA A 404 12.75 -9.67 7.90
C ALA A 404 12.16 -9.39 9.28
N ILE A 405 12.44 -10.28 10.29
CA ILE A 405 11.98 -10.14 11.67
C ILE A 405 12.54 -8.89 12.32
N ALA A 406 13.85 -8.63 12.12
CA ALA A 406 14.55 -7.46 12.67
C ALA A 406 13.85 -6.15 12.30
N ILE A 407 13.49 -5.92 11.00
CA ILE A 407 12.78 -4.71 10.53
C ILE A 407 11.35 -4.72 11.05
N MET A 408 10.65 -5.85 10.88
CA MET A 408 9.26 -6.03 11.25
C MET A 408 8.98 -5.75 12.72
N GLU A 409 9.93 -6.04 13.64
CA GLU A 409 9.84 -5.76 15.09
C GLU A 409 9.72 -4.27 15.38
N VAL A 410 10.25 -3.42 14.50
CA VAL A 410 10.23 -1.97 14.62
C VAL A 410 8.92 -1.41 14.12
N ALA A 411 8.52 -1.79 12.90
CA ALA A 411 7.34 -1.29 12.18
C ALA A 411 6.03 -1.94 12.60
N HIS A 412 6.03 -3.27 12.82
CA HIS A 412 4.85 -4.03 13.24
C HIS A 412 4.80 -4.26 14.77
N GLY A 413 5.95 -4.23 15.44
CA GLY A 413 5.99 -4.51 16.87
C GLY A 413 6.41 -5.96 17.14
N LYS A 414 7.12 -6.20 18.26
CA LYS A 414 7.64 -7.52 18.66
C LYS A 414 6.56 -8.60 18.83
N ASP A 415 5.35 -8.16 19.24
CA ASP A 415 4.16 -8.92 19.59
C ASP A 415 3.18 -9.17 18.43
N HIS A 416 3.60 -8.90 17.18
CA HIS A 416 2.72 -9.01 16.02
C HIS A 416 2.45 -10.44 15.55
N PRO A 417 1.16 -10.75 15.22
CA PRO A 417 0.82 -12.09 14.67
C PRO A 417 1.65 -12.57 13.48
N TYR A 418 2.17 -11.65 12.63
CA TYR A 418 3.05 -11.96 11.51
C TYR A 418 4.42 -12.47 11.97
N ILE A 419 5.03 -11.79 12.97
CA ILE A 419 6.34 -12.18 13.52
C ILE A 419 6.26 -13.58 14.21
N SER A 420 5.12 -13.90 14.87
CA SER A 420 4.96 -15.18 15.55
C SER A 420 4.86 -16.32 14.55
N GLU A 421 4.34 -16.04 13.35
CA GLU A 421 4.19 -17.04 12.29
C GLU A 421 5.55 -17.29 11.58
N ILE A 422 6.39 -16.21 11.42
CA ILE A 422 7.73 -16.30 10.82
C ILE A 422 8.62 -17.09 11.77
N LYS A 423 8.58 -16.75 13.08
CA LYS A 423 9.31 -17.45 14.14
C LYS A 423 8.93 -18.93 14.11
N GLN A 424 7.63 -19.21 13.88
CA GLN A 424 7.12 -20.58 13.75
C GLN A 424 7.68 -21.27 12.51
N GLU A 425 7.99 -20.51 11.44
CA GLU A 425 8.54 -21.06 10.19
C GLU A 425 9.99 -21.53 10.36
N ILE A 426 10.79 -20.76 11.12
CA ILE A 426 12.18 -21.03 11.47
C ILE A 426 12.28 -22.26 12.40
N GLU A 427 11.33 -22.42 13.34
CA GLU A 427 11.34 -23.54 14.29
C GLU A 427 10.75 -24.86 13.68
N SER A 428 10.04 -24.77 12.52
CA SER A 428 9.51 -25.94 11.80
C SER A 428 10.54 -26.46 10.76
N HIS A 429 11.68 -25.74 10.64
CA HIS A 429 12.80 -26.02 9.74
C HIS A 429 14.17 -25.79 10.42
#